data_1OCU
#
_entry.id   1OCU
#
_cell.length_a   31.430
_cell.length_b   55.760
_cell.length_c   64.750
_cell.angle_alpha   110.75
_cell.angle_beta   97.35
_cell.angle_gamma   99.49
#
_symmetry.space_group_name_H-M   'P 1'
#
loop_
_entity.id
_entity.type
_entity.pdbx_description
1 polymer 'SORTING NEXIN'
2 non-polymer '2-(BUTANOYLOXY)-1-{[(HYDROXY{[2,3,4,6-TETRAHYDROXY-5-(PHOSPHONOOXY)CYCLOHEXYL]OXY}PHOSPHORYL)OXY]METHYL}ETHYL BUTANOATE'
3 water water
#
_entity_poly.entity_id   1
_entity_poly.type   'polypeptide(L)'
_entity_poly.pdbx_seq_one_letter_code
;MPREFKSFGSTEKSLLSKGHGEPSYSEIYAEPENFLEIEVHNPKTHIPNGMDSKGMFTDYEIICRTNLPSFHKRVSKVRR
RYSDFEFFRK(CME)LIKEISMLNHPKVMVPHLPGKILLSNRFSNEVIEERRQGLNTWMQSVAGHPLLQSGSKVLVRFIE
AEKFVG
;
_entity_poly.pdbx_strand_id   A,B
#
loop_
_chem_comp.id
_chem_comp.type
_chem_comp.name
_chem_comp.formula
PIB non-polymer '2-(BUTANOYLOXY)-1-{[(HYDROXY{[2,3,4,6-TETRAHYDROXY-5-(PHOSPHONOOXY)CYCLOHEXYL]OXY}PHOSPHORYL)OXY]METHYL}ETHYL BUTANOATE' 'C17 H32 O16 P2'
#
# COMPACT_ATOMS: atom_id res chain seq x y z
N ILE A 28 -13.25 -39.46 -5.01
CA ILE A 28 -12.56 -39.33 -3.69
C ILE A 28 -11.55 -40.46 -3.48
N TYR A 29 -10.29 -40.18 -3.80
CA TYR A 29 -9.21 -41.15 -3.65
C TYR A 29 -8.13 -40.60 -2.73
N ALA A 30 -7.80 -41.35 -1.69
CA ALA A 30 -6.79 -40.91 -0.74
C ALA A 30 -5.42 -41.46 -1.11
N GLU A 31 -4.42 -40.58 -1.10
CA GLU A 31 -3.06 -40.95 -1.42
C GLU A 31 -2.54 -41.92 -0.35
N PRO A 32 -2.16 -43.14 -0.75
CA PRO A 32 -1.65 -44.15 0.19
C PRO A 32 -0.41 -43.67 0.95
N GLU A 33 0.36 -42.78 0.33
CA GLU A 33 1.55 -42.26 0.98
C GLU A 33 1.32 -40.89 1.59
N ASN A 34 2.02 -40.64 2.69
CA ASN A 34 1.94 -39.35 3.37
C ASN A 34 2.66 -38.36 2.48
N PHE A 35 2.20 -37.11 2.48
CA PHE A 35 2.86 -36.09 1.67
C PHE A 35 2.61 -34.68 2.19
N LEU A 36 3.49 -33.76 1.82
CA LEU A 36 3.34 -32.36 2.18
C LEU A 36 4.07 -31.49 1.19
N GLU A 37 3.30 -30.66 0.50
CA GLU A 37 3.84 -29.73 -0.49
C GLU A 37 3.64 -28.34 0.11
N ILE A 38 4.68 -27.53 0.10
CA ILE A 38 4.57 -26.20 0.67
C ILE A 38 5.38 -25.18 -0.12
N GLU A 39 4.83 -23.98 -0.25
CA GLU A 39 5.51 -22.92 -0.98
C GLU A 39 5.23 -21.54 -0.40
N VAL A 40 6.20 -20.64 -0.54
CA VAL A 40 6.05 -19.28 -0.07
C VAL A 40 6.18 -18.40 -1.28
N HIS A 41 5.14 -17.62 -1.58
CA HIS A 41 5.16 -16.74 -2.73
C HIS A 41 4.14 -15.61 -2.56
N ASN A 42 3.84 -14.95 -3.68
CA ASN A 42 2.86 -13.88 -3.72
C ASN A 42 3.07 -12.77 -2.68
N PRO A 43 4.27 -12.16 -2.67
CA PRO A 43 4.53 -11.09 -1.69
C PRO A 43 3.69 -9.85 -1.95
N LYS A 44 3.32 -9.16 -0.89
CA LYS A 44 2.51 -7.94 -0.99
C LYS A 44 2.93 -6.94 0.08
N THR A 45 3.03 -5.68 -0.30
CA THR A 45 3.41 -4.63 0.64
C THR A 45 2.18 -3.81 0.99
N HIS A 46 1.99 -3.56 2.28
CA HIS A 46 0.80 -2.85 2.76
C HIS A 46 1.06 -1.55 3.48
N ILE A 47 0.05 -0.69 3.45
CA ILE A 47 0.06 0.59 4.14
C ILE A 47 -1.05 0.43 5.18
N PRO A 48 -0.71 -0.02 6.41
CA PRO A 48 -1.60 -0.25 7.56
C PRO A 48 -2.80 0.68 7.72
N ASN A 49 -2.54 1.96 7.98
CA ASN A 49 -3.65 2.90 8.15
C ASN A 49 -4.17 3.38 6.79
N GLY A 50 -3.54 2.93 5.71
CA GLY A 50 -3.92 3.30 4.36
C GLY A 50 -3.66 4.74 3.95
N MET A 51 -3.02 5.51 4.83
CA MET A 51 -2.75 6.92 4.56
C MET A 51 -1.28 7.31 4.46
N ASP A 52 -0.49 6.87 5.43
CA ASP A 52 0.93 7.18 5.46
C ASP A 52 1.77 5.92 5.68
N SER A 53 3.06 6.02 5.41
CA SER A 53 3.97 4.89 5.54
C SER A 53 4.21 4.30 6.93
N LYS A 54 3.56 4.83 7.96
CA LYS A 54 3.78 4.30 9.29
C LYS A 54 3.37 2.84 9.38
N GLY A 55 4.31 1.98 9.78
CA GLY A 55 4.00 0.56 9.91
C GLY A 55 4.01 -0.20 8.59
N MET A 56 4.43 0.48 7.52
CA MET A 56 4.49 -0.14 6.21
C MET A 56 5.26 -1.47 6.32
N PHE A 57 4.71 -2.52 5.70
CA PHE A 57 5.36 -3.82 5.79
C PHE A 57 5.01 -4.78 4.66
N THR A 58 5.84 -5.80 4.49
CA THR A 58 5.63 -6.80 3.45
C THR A 58 5.30 -8.16 4.10
N ASP A 59 4.35 -8.87 3.53
CA ASP A 59 4.05 -10.21 4.04
C ASP A 59 4.02 -11.15 2.86
N TYR A 60 4.11 -12.44 3.14
CA TYR A 60 4.13 -13.44 2.07
C TYR A 60 3.07 -14.49 2.30
N GLU A 61 2.63 -15.12 1.22
CA GLU A 61 1.63 -16.16 1.36
C GLU A 61 2.27 -17.53 1.41
N ILE A 62 1.86 -18.31 2.40
CA ILE A 62 2.34 -19.68 2.54
C ILE A 62 1.14 -20.54 2.13
N ILE A 63 1.33 -21.37 1.11
CA ILE A 63 0.26 -22.25 0.68
C ILE A 63 0.78 -23.67 0.88
N CYS A 64 -0.05 -24.51 1.48
CA CYS A 64 0.35 -25.88 1.80
C CYS A 64 -0.75 -26.90 1.57
N ARG A 65 -0.35 -28.04 0.99
CA ARG A 65 -1.25 -29.17 0.73
C ARG A 65 -0.64 -30.39 1.40
N THR A 66 -1.43 -31.05 2.24
CA THR A 66 -0.93 -32.23 2.96
C THR A 66 -2.04 -33.17 3.37
N ASN A 67 -1.66 -34.37 3.82
CA ASN A 67 -2.62 -35.36 4.28
C ASN A 67 -2.12 -35.99 5.57
N LEU A 68 -1.08 -35.40 6.15
CA LEU A 68 -0.48 -35.86 7.41
C LEU A 68 -1.45 -35.73 8.57
N PRO A 69 -1.44 -36.71 9.49
CA PRO A 69 -2.32 -36.70 10.66
C PRO A 69 -2.22 -35.51 11.60
N SER A 70 -1.12 -34.78 11.54
CA SER A 70 -0.90 -33.59 12.38
C SER A 70 -1.74 -32.39 11.95
N PHE A 71 -2.05 -32.33 10.66
CA PHE A 71 -2.81 -31.23 10.08
C PHE A 71 -4.33 -31.44 10.14
N HIS A 72 -5.06 -30.34 10.14
CA HIS A 72 -6.52 -30.36 10.25
C HIS A 72 -7.30 -30.12 8.97
N LYS A 73 -6.61 -29.84 7.88
CA LYS A 73 -7.24 -29.64 6.57
C LYS A 73 -6.22 -29.93 5.48
N ARG A 74 -6.71 -30.18 4.27
CA ARG A 74 -5.81 -30.51 3.16
C ARG A 74 -5.04 -29.30 2.64
N VAL A 75 -5.76 -28.20 2.41
CA VAL A 75 -5.15 -27.00 1.88
C VAL A 75 -5.23 -25.80 2.80
N SER A 76 -4.08 -25.24 3.14
CA SER A 76 -4.07 -24.06 3.99
C SER A 76 -3.33 -22.93 3.27
N LYS A 77 -3.90 -21.74 3.35
CA LYS A 77 -3.29 -20.56 2.74
C LYS A 77 -3.29 -19.43 3.76
N VAL A 78 -2.10 -19.03 4.18
CA VAL A 78 -1.98 -17.96 5.16
C VAL A 78 -0.91 -16.99 4.70
N ARG A 79 -0.87 -15.83 5.34
CA ARG A 79 0.10 -14.82 4.98
C ARG A 79 0.95 -14.55 6.22
N ARG A 80 2.25 -14.38 6.02
CA ARG A 80 3.15 -14.16 7.13
C ARG A 80 4.22 -13.11 6.82
N ARG A 81 4.58 -12.37 7.87
CA ARG A 81 5.60 -11.34 7.83
C ARG A 81 6.93 -12.01 8.14
N TYR A 82 8.03 -11.38 7.74
CA TYR A 82 9.35 -11.94 8.00
C TYR A 82 9.55 -12.09 9.51
N SER A 83 9.12 -11.11 10.28
CA SER A 83 9.28 -11.20 11.74
C SER A 83 8.40 -12.34 12.28
N ASP A 84 7.35 -12.68 11.55
CA ASP A 84 6.51 -13.81 11.99
C ASP A 84 7.41 -15.06 11.88
N PHE A 85 8.11 -15.20 10.76
CA PHE A 85 9.03 -16.33 10.55
C PHE A 85 10.09 -16.32 11.66
N GLU A 86 10.61 -15.15 11.99
CA GLU A 86 11.61 -15.03 13.05
C GLU A 86 11.05 -15.53 14.38
N PHE A 87 9.82 -15.11 14.69
CA PHE A 87 9.18 -15.51 15.91
C PHE A 87 8.92 -17.01 15.88
N PHE A 88 8.43 -17.50 14.74
CA PHE A 88 8.17 -18.91 14.55
C PHE A 88 9.43 -19.76 14.77
N ARG A 89 10.59 -19.27 14.32
CA ARG A 89 11.83 -20.01 14.49
C ARG A 89 12.23 -20.17 15.96
N LYS A 90 12.03 -19.12 16.75
CA LYS A 90 12.34 -19.20 18.19
C LYS A 90 11.48 -20.28 18.82
N CME A 91 10.17 -20.23 18.53
CA CME A 91 9.20 -21.19 19.04
CB CME A 91 7.80 -20.86 18.51
SG CME A 91 7.05 -19.38 19.20
SD CME A 91 6.92 -19.83 21.17
CE CME A 91 6.43 -21.58 21.18
CZ CME A 91 7.35 -22.46 22.01
OH CME A 91 6.72 -23.59 22.59
C CME A 91 9.55 -22.61 18.64
O CME A 91 9.53 -23.53 19.46
N LEU A 92 9.87 -22.80 17.36
CA LEU A 92 10.21 -24.10 16.83
C LEU A 92 11.44 -24.66 17.55
N ILE A 93 12.48 -23.85 17.64
CA ILE A 93 13.69 -24.29 18.30
C ILE A 93 13.44 -24.67 19.75
N LYS A 94 12.61 -23.90 20.45
CA LYS A 94 12.31 -24.22 21.84
C LYS A 94 11.46 -25.48 21.94
N GLU A 95 10.45 -25.60 21.09
CA GLU A 95 9.60 -26.79 21.10
C GLU A 95 10.47 -28.02 20.86
N ILE A 96 11.37 -27.93 19.88
CA ILE A 96 12.27 -29.03 19.55
C ILE A 96 13.00 -29.53 20.80
N SER A 97 13.41 -28.60 21.65
CA SER A 97 14.14 -28.94 22.85
C SER A 97 13.27 -29.63 23.90
N MET A 98 12.00 -29.26 23.96
CA MET A 98 11.08 -29.86 24.94
C MET A 98 10.57 -31.24 24.52
N LEU A 99 10.79 -31.61 23.27
CA LEU A 99 10.35 -32.91 22.76
C LEU A 99 11.49 -33.92 22.78
N ASN A 100 12.55 -33.58 23.50
CA ASN A 100 13.71 -34.45 23.62
C ASN A 100 14.37 -34.80 22.29
N HIS A 101 14.77 -33.78 21.56
CA HIS A 101 15.46 -33.96 20.28
C HIS A 101 16.62 -32.98 20.23
N PRO A 102 17.44 -32.96 21.31
CA PRO A 102 18.61 -32.09 21.49
C PRO A 102 19.68 -32.10 20.39
N LYS A 103 19.48 -32.88 19.33
CA LYS A 103 20.47 -32.91 18.28
C LYS A 103 19.95 -32.50 16.91
N VAL A 104 18.65 -32.24 16.80
CA VAL A 104 18.06 -31.80 15.54
C VAL A 104 18.22 -30.28 15.44
N MET A 105 18.61 -29.81 14.25
CA MET A 105 18.85 -28.39 14.06
C MET A 105 17.98 -27.70 13.01
N VAL A 106 17.66 -26.44 13.27
CA VAL A 106 16.85 -25.64 12.37
C VAL A 106 17.76 -24.65 11.68
N PRO A 107 17.77 -24.65 10.34
CA PRO A 107 18.64 -23.70 9.63
C PRO A 107 18.21 -22.28 9.94
N HIS A 108 19.14 -21.31 9.91
CA HIS A 108 18.76 -19.94 10.18
C HIS A 108 18.03 -19.37 8.97
N LEU A 109 17.22 -18.35 9.23
CA LEU A 109 16.44 -17.70 8.19
C LEU A 109 17.35 -16.87 7.29
N PRO A 110 16.87 -16.50 6.08
CA PRO A 110 17.62 -15.69 5.12
C PRO A 110 18.38 -14.50 5.70
N GLY A 111 17.73 -13.72 6.56
CA GLY A 111 18.45 -12.59 7.16
C GLY A 111 17.75 -11.26 7.26
N LYS A 112 18.08 -10.50 8.30
CA LYS A 112 17.50 -9.18 8.50
C LYS A 112 18.01 -8.25 7.38
N ILE A 113 17.24 -7.22 7.07
CA ILE A 113 17.61 -6.29 6.00
C ILE A 113 17.42 -4.82 6.35
N LEU A 114 18.25 -3.97 5.74
CA LEU A 114 18.23 -2.52 5.94
C LEU A 114 16.94 -1.90 5.40
N LEU A 115 16.29 -1.09 6.24
CA LEU A 115 15.02 -0.43 5.90
C LEU A 115 14.79 0.02 4.45
N SER A 116 15.75 0.76 3.89
CA SER A 116 15.65 1.28 2.52
C SER A 116 15.24 0.25 1.47
N ASN A 117 16.27 -0.39 0.90
CA ASN A 117 16.12 -1.41 -0.12
C ASN A 117 15.13 -2.49 0.33
N ARG A 118 14.90 -2.56 1.64
CA ARG A 118 14.00 -3.52 2.24
C ARG A 118 12.65 -3.63 1.52
N PHE A 119 12.24 -2.57 0.82
CA PHE A 119 10.97 -2.59 0.09
C PHE A 119 11.13 -2.58 -1.42
N SER A 120 12.35 -2.80 -1.89
CA SER A 120 12.58 -2.82 -3.33
C SER A 120 12.26 -4.20 -3.88
N ASN A 121 12.01 -4.25 -5.18
CA ASN A 121 11.66 -5.48 -5.87
C ASN A 121 12.65 -6.64 -5.65
N GLU A 122 13.86 -6.47 -6.14
CA GLU A 122 14.89 -7.48 -6.04
C GLU A 122 15.06 -8.04 -4.63
N VAL A 123 14.94 -7.16 -3.64
CA VAL A 123 15.08 -7.55 -2.25
C VAL A 123 13.93 -8.43 -1.77
N ILE A 124 12.71 -8.06 -2.14
CA ILE A 124 11.54 -8.83 -1.75
C ILE A 124 11.63 -10.21 -2.44
N GLU A 125 12.10 -10.20 -3.67
CA GLU A 125 12.22 -11.44 -4.43
C GLU A 125 13.23 -12.41 -3.85
N GLU A 126 14.42 -11.92 -3.51
CA GLU A 126 15.43 -12.80 -2.94
C GLU A 126 15.00 -13.34 -1.58
N ARG A 127 14.41 -12.47 -0.76
CA ARG A 127 13.94 -12.89 0.56
C ARG A 127 12.83 -13.93 0.39
N ARG A 128 11.96 -13.73 -0.59
CA ARG A 128 10.89 -14.68 -0.85
C ARG A 128 11.49 -16.06 -1.16
N GLN A 129 12.45 -16.10 -2.08
CA GLN A 129 13.07 -17.35 -2.44
C GLN A 129 13.72 -17.98 -1.22
N GLY A 130 14.34 -17.14 -0.39
CA GLY A 130 14.96 -17.65 0.81
C GLY A 130 13.93 -18.28 1.76
N LEU A 131 12.79 -17.60 1.91
CA LEU A 131 11.73 -18.08 2.78
C LEU A 131 11.10 -19.36 2.23
N ASN A 132 10.96 -19.43 0.91
CA ASN A 132 10.40 -20.61 0.26
C ASN A 132 11.27 -21.83 0.57
N THR A 133 12.57 -21.70 0.31
CA THR A 133 13.53 -22.77 0.55
C THR A 133 13.56 -23.17 2.01
N TRP A 134 13.60 -22.18 2.88
CA TRP A 134 13.64 -22.41 4.31
C TRP A 134 12.40 -23.19 4.79
N MET A 135 11.23 -22.76 4.34
CA MET A 135 9.97 -23.36 4.73
C MET A 135 9.84 -24.81 4.25
N GLN A 136 10.22 -25.08 3.01
CA GLN A 136 10.14 -26.45 2.48
C GLN A 136 11.07 -27.39 3.24
N SER A 137 12.21 -26.88 3.67
CA SER A 137 13.16 -27.67 4.42
C SER A 137 12.65 -27.99 5.81
N VAL A 138 12.13 -26.98 6.49
CA VAL A 138 11.62 -27.15 7.83
C VAL A 138 10.38 -28.06 7.84
N ALA A 139 9.43 -27.75 6.97
CA ALA A 139 8.20 -28.54 6.89
C ALA A 139 8.41 -29.93 6.31
N GLY A 140 9.54 -30.15 5.65
CA GLY A 140 9.79 -31.46 5.06
C GLY A 140 10.51 -32.41 6.00
N HIS A 141 10.74 -31.98 7.23
CA HIS A 141 11.44 -32.80 8.20
C HIS A 141 10.51 -33.78 8.95
N PRO A 142 10.78 -35.09 8.80
CA PRO A 142 10.02 -36.19 9.42
C PRO A 142 9.60 -35.93 10.86
N LEU A 143 10.57 -35.63 11.71
CA LEU A 143 10.26 -35.42 13.11
C LEU A 143 9.34 -34.25 13.37
N LEU A 144 9.52 -33.17 12.62
CA LEU A 144 8.69 -31.99 12.80
C LEU A 144 7.26 -32.24 12.29
N GLN A 145 7.14 -32.98 11.19
CA GLN A 145 5.82 -33.28 10.62
C GLN A 145 4.97 -34.12 11.55
N SER A 146 5.60 -35.00 12.34
CA SER A 146 4.82 -35.85 13.23
C SER A 146 4.66 -35.29 14.63
N GLY A 147 5.71 -34.66 15.15
CA GLY A 147 5.62 -34.14 16.51
C GLY A 147 5.51 -32.64 16.75
N SER A 148 5.70 -31.81 15.72
CA SER A 148 5.65 -30.37 15.97
C SER A 148 4.27 -29.72 15.88
N LYS A 149 3.78 -29.27 17.05
CA LYS A 149 2.51 -28.58 17.11
C LYS A 149 2.71 -27.18 16.53
N VAL A 150 3.83 -26.55 16.87
CA VAL A 150 4.11 -25.20 16.39
C VAL A 150 4.13 -25.10 14.86
N LEU A 151 4.67 -26.12 14.19
CA LEU A 151 4.75 -26.12 12.72
C LEU A 151 3.36 -26.10 12.09
N VAL A 152 2.44 -26.89 12.65
CA VAL A 152 1.09 -26.95 12.12
C VAL A 152 0.41 -25.60 12.30
N ARG A 153 0.53 -25.03 13.50
CA ARG A 153 -0.06 -23.74 13.79
C ARG A 153 0.45 -22.65 12.83
N PHE A 154 1.76 -22.61 12.58
CA PHE A 154 2.31 -21.60 11.69
C PHE A 154 1.72 -21.70 10.30
N ILE A 155 1.47 -22.93 9.85
CA ILE A 155 0.92 -23.18 8.52
C ILE A 155 -0.58 -23.03 8.39
N GLU A 156 -1.30 -23.21 9.49
CA GLU A 156 -2.76 -23.16 9.43
C GLU A 156 -3.53 -21.97 9.97
N ALA A 157 -3.08 -21.39 11.07
CA ALA A 157 -3.76 -20.26 11.70
C ALA A 157 -3.83 -19.02 10.81
N GLU A 158 -4.93 -18.29 10.91
CA GLU A 158 -5.10 -17.07 10.12
C GLU A 158 -3.99 -16.10 10.53
N LYS A 159 -3.83 -15.91 11.82
CA LYS A 159 -2.79 -15.04 12.34
C LYS A 159 -1.96 -15.87 13.29
N PHE A 160 -0.64 -15.73 13.19
CA PHE A 160 0.26 -16.47 14.06
C PHE A 160 0.65 -15.58 15.24
N VAL A 161 1.18 -14.40 14.92
CA VAL A 161 1.61 -13.38 15.89
C VAL A 161 3.12 -13.45 16.13
N GLU B 31 -32.63 27.84 -5.71
CA GLU B 31 -31.24 28.34 -5.43
C GLU B 31 -30.93 29.51 -6.36
N PRO B 32 -31.35 30.72 -5.97
CA PRO B 32 -31.12 31.93 -6.76
C PRO B 32 -29.64 32.29 -6.84
N GLU B 33 -28.94 32.04 -5.74
CA GLU B 33 -27.52 32.36 -5.65
C GLU B 33 -26.58 31.31 -6.25
N ASN B 34 -25.53 31.79 -6.90
CA ASN B 34 -24.52 30.91 -7.46
C ASN B 34 -23.59 30.60 -6.29
N PHE B 35 -23.11 29.37 -6.21
CA PHE B 35 -22.20 29.01 -5.12
C PHE B 35 -21.22 27.93 -5.56
N LEU B 36 -20.18 27.73 -4.77
CA LEU B 36 -19.17 26.71 -5.02
C LEU B 36 -18.38 26.42 -3.77
N GLU B 37 -18.49 25.19 -3.29
CA GLU B 37 -17.78 24.75 -2.11
C GLU B 37 -16.78 23.72 -2.58
N ILE B 38 -15.58 23.75 -2.03
CA ILE B 38 -14.58 22.80 -2.44
C ILE B 38 -13.67 22.47 -1.28
N GLU B 39 -13.14 21.25 -1.28
CA GLU B 39 -12.26 20.80 -0.23
C GLU B 39 -11.31 19.69 -0.67
N VAL B 40 -10.15 19.67 -0.06
CA VAL B 40 -9.15 18.66 -0.34
C VAL B 40 -8.91 17.96 0.98
N HIS B 41 -9.20 16.66 1.01
CA HIS B 41 -9.06 15.86 2.22
C HIS B 41 -8.91 14.38 1.85
N ASN B 42 -9.03 13.52 2.85
CA ASN B 42 -8.97 12.07 2.67
C ASN B 42 -7.74 11.61 1.87
N PRO B 43 -6.53 11.83 2.42
CA PRO B 43 -5.27 11.43 1.77
C PRO B 43 -5.10 9.92 1.84
N LYS B 44 -4.52 9.34 0.80
CA LYS B 44 -4.28 7.89 0.75
C LYS B 44 -2.97 7.61 0.04
N THR B 45 -2.18 6.70 0.60
CA THR B 45 -0.91 6.35 -0.01
C THR B 45 -1.05 4.95 -0.60
N HIS B 46 -0.65 4.81 -1.85
CA HIS B 46 -0.80 3.55 -2.57
C HIS B 46 0.50 2.86 -2.95
N ILE B 47 0.38 1.55 -3.14
CA ILE B 47 1.47 0.68 -3.58
C ILE B 47 0.91 0.19 -4.92
N PRO B 48 1.13 0.95 -6.00
CA PRO B 48 0.63 0.61 -7.35
C PRO B 48 0.79 -0.84 -7.82
N ASN B 49 1.98 -1.40 -7.75
CA ASN B 49 2.14 -2.79 -8.20
C ASN B 49 1.79 -3.79 -7.09
N GLY B 50 1.25 -3.26 -5.97
CA GLY B 50 0.85 -4.09 -4.84
C GLY B 50 1.92 -4.93 -4.17
N MET B 51 3.07 -5.06 -4.83
CA MET B 51 4.16 -5.89 -4.31
C MET B 51 5.30 -5.14 -3.65
N ASP B 52 5.85 -4.14 -4.33
CA ASP B 52 6.96 -3.36 -3.79
C ASP B 52 6.68 -1.86 -3.82
N SER B 53 7.61 -1.08 -3.26
CA SER B 53 7.44 0.37 -3.18
C SER B 53 7.66 1.17 -4.48
N LYS B 54 8.04 0.50 -5.56
CA LYS B 54 8.27 1.19 -6.82
C LYS B 54 7.02 1.92 -7.30
N GLY B 55 7.12 3.25 -7.40
CA GLY B 55 5.97 4.04 -7.84
C GLY B 55 5.01 4.40 -6.72
N MET B 56 5.47 4.22 -5.48
CA MET B 56 4.66 4.52 -4.30
C MET B 56 4.28 6.01 -4.26
N PHE B 57 2.99 6.31 -4.11
CA PHE B 57 2.55 7.70 -4.10
C PHE B 57 1.30 7.92 -3.28
N THR B 58 1.03 9.17 -2.94
CA THR B 58 -0.19 9.48 -2.22
C THR B 58 -1.00 10.49 -3.02
N ASP B 59 -2.33 10.36 -2.98
CA ASP B 59 -3.18 11.31 -3.67
C ASP B 59 -4.18 11.87 -2.67
N TYR B 60 -4.99 12.81 -3.11
CA TYR B 60 -5.93 13.45 -2.21
C TYR B 60 -7.27 13.54 -2.90
N GLU B 61 -8.34 13.52 -2.13
CA GLU B 61 -9.67 13.63 -2.71
C GLU B 61 -10.10 15.09 -2.74
N ILE B 62 -10.63 15.52 -3.88
CA ILE B 62 -11.14 16.88 -4.01
C ILE B 62 -12.65 16.70 -4.12
N ILE B 63 -13.39 17.25 -3.17
CA ILE B 63 -14.84 17.14 -3.19
C ILE B 63 -15.34 18.57 -3.45
N CYS B 64 -16.24 18.71 -4.41
CA CYS B 64 -16.75 20.02 -4.77
C CYS B 64 -18.24 19.97 -5.07
N ARG B 65 -18.96 20.98 -4.58
CA ARG B 65 -20.39 21.09 -4.82
C ARG B 65 -20.64 22.45 -5.44
N THR B 66 -21.38 22.50 -6.54
CA THR B 66 -21.62 23.79 -7.16
C THR B 66 -22.85 23.83 -8.04
N ASN B 67 -23.22 25.04 -8.44
CA ASN B 67 -24.35 25.23 -9.32
C ASN B 67 -23.96 26.23 -10.40
N LEU B 68 -22.67 26.56 -10.44
CA LEU B 68 -22.11 27.48 -11.43
C LEU B 68 -22.37 26.95 -12.84
N PRO B 69 -22.73 27.83 -13.77
CA PRO B 69 -23.02 27.47 -15.16
C PRO B 69 -21.91 26.81 -15.97
N SER B 70 -20.67 26.92 -15.53
CA SER B 70 -19.58 26.31 -16.30
C SER B 70 -19.29 24.86 -15.93
N PHE B 71 -19.88 24.39 -14.83
CA PHE B 71 -19.70 23.00 -14.39
C PHE B 71 -20.84 22.15 -14.96
N HIS B 72 -20.67 20.84 -15.00
CA HIS B 72 -21.69 19.95 -15.59
C HIS B 72 -22.47 19.09 -14.64
N LYS B 73 -22.12 19.11 -13.36
CA LYS B 73 -22.83 18.34 -12.37
C LYS B 73 -22.70 19.06 -11.04
N ARG B 74 -23.63 18.79 -10.13
CA ARG B 74 -23.66 19.43 -8.82
C ARG B 74 -22.50 19.00 -7.93
N VAL B 75 -22.29 17.69 -7.81
CA VAL B 75 -21.23 17.17 -6.96
C VAL B 75 -20.17 16.43 -7.74
N SER B 76 -18.92 16.74 -7.46
CA SER B 76 -17.79 16.08 -8.10
C SER B 76 -16.89 15.57 -6.99
N LYS B 77 -16.33 14.39 -7.18
CA LYS B 77 -15.42 13.81 -6.21
C LYS B 77 -14.34 13.12 -7.02
N VAL B 78 -13.12 13.65 -6.97
CA VAL B 78 -12.01 13.08 -7.73
C VAL B 78 -10.76 12.94 -6.87
N ARG B 79 -9.76 12.24 -7.38
CA ARG B 79 -8.50 12.06 -6.65
C ARG B 79 -7.36 12.67 -7.46
N ARG B 80 -6.44 13.32 -6.76
CA ARG B 80 -5.32 14.00 -7.40
C ARG B 80 -4.08 13.96 -6.54
N ARG B 81 -2.94 13.68 -7.15
CA ARG B 81 -1.69 13.68 -6.41
C ARG B 81 -1.02 15.05 -6.59
N TYR B 82 0.00 15.34 -5.78
CA TYR B 82 0.67 16.63 -5.85
C TYR B 82 1.10 17.04 -7.24
N SER B 83 1.77 16.13 -7.96
CA SER B 83 2.22 16.42 -9.32
C SER B 83 1.04 16.71 -10.25
N ASP B 84 -0.17 16.28 -9.87
CA ASP B 84 -1.35 16.60 -10.68
C ASP B 84 -1.63 18.10 -10.45
N PHE B 85 -1.51 18.54 -9.20
CA PHE B 85 -1.71 19.94 -8.83
C PHE B 85 -0.69 20.82 -9.56
N GLU B 86 0.57 20.36 -9.61
CA GLU B 86 1.63 21.11 -10.28
C GLU B 86 1.35 21.28 -11.78
N PHE B 87 0.95 20.18 -12.42
CA PHE B 87 0.66 20.20 -13.85
C PHE B 87 -0.53 21.11 -14.12
N PHE B 88 -1.51 21.02 -13.24
CA PHE B 88 -2.72 21.82 -13.34
C PHE B 88 -2.39 23.32 -13.28
N ARG B 89 -1.45 23.69 -12.41
CA ARG B 89 -1.05 25.08 -12.25
C ARG B 89 -0.44 25.66 -13.52
N LYS B 90 0.43 24.91 -14.19
CA LYS B 90 1.04 25.37 -15.42
C LYS B 90 -0.06 25.63 -16.43
N CME B 91 -0.93 24.63 -16.60
CA CME B 91 -2.05 24.72 -17.54
CB CME B 91 -2.89 23.45 -17.47
SG CME B 91 -2.09 21.97 -18.14
SD CME B 91 -2.29 22.23 -20.15
CE CME B 91 -3.17 20.75 -20.70
CZ CME B 91 -4.67 20.88 -20.57
OH CME B 91 -5.16 20.63 -19.27
C CME B 91 -2.92 25.91 -17.19
O CME B 91 -3.33 26.66 -18.08
N LEU B 92 -3.20 26.08 -15.91
CA LEU B 92 -4.04 27.19 -15.46
C LEU B 92 -3.40 28.52 -15.80
N ILE B 93 -2.13 28.67 -15.45
CA ILE B 93 -1.41 29.89 -15.72
C ILE B 93 -1.33 30.15 -17.22
N LYS B 94 -1.14 29.10 -18.02
CA LYS B 94 -1.08 29.31 -19.46
C LYS B 94 -2.46 29.64 -20.04
N GLU B 95 -3.49 28.97 -19.55
CA GLU B 95 -4.84 29.25 -20.04
C GLU B 95 -5.20 30.70 -19.73
N ILE B 96 -4.81 31.15 -18.54
CA ILE B 96 -5.06 32.52 -18.11
C ILE B 96 -4.47 33.54 -19.09
N SER B 97 -3.28 33.26 -19.59
CA SER B 97 -2.62 34.18 -20.52
C SER B 97 -3.32 34.20 -21.87
N MET B 98 -3.82 33.04 -22.30
CA MET B 98 -4.50 32.93 -23.58
C MET B 98 -5.93 33.46 -23.53
N LEU B 99 -6.36 33.92 -22.37
CA LEU B 99 -7.72 34.45 -22.21
C LEU B 99 -7.74 35.95 -22.01
N ASN B 100 -6.60 36.59 -22.28
CA ASN B 100 -6.47 38.03 -22.13
C ASN B 100 -6.75 38.51 -20.71
N HIS B 101 -5.83 38.20 -19.79
CA HIS B 101 -5.94 38.59 -18.39
C HIS B 101 -4.57 38.55 -17.72
N PRO B 102 -3.62 39.34 -18.24
CA PRO B 102 -2.23 39.48 -17.79
C PRO B 102 -2.01 39.98 -16.36
N LYS B 103 -3.09 40.25 -15.65
CA LYS B 103 -2.96 40.72 -14.28
C LYS B 103 -3.55 39.74 -13.27
N VAL B 104 -3.99 38.58 -13.76
CA VAL B 104 -4.56 37.57 -12.87
C VAL B 104 -3.42 36.74 -12.29
N MET B 105 -3.32 36.72 -10.97
CA MET B 105 -2.25 36.01 -10.29
C MET B 105 -2.66 34.68 -9.67
N VAL B 106 -1.90 33.63 -9.94
CA VAL B 106 -2.20 32.33 -9.36
C VAL B 106 -1.19 32.08 -8.25
N PRO B 107 -1.67 31.92 -7.01
CA PRO B 107 -0.75 31.68 -5.89
C PRO B 107 0.05 30.42 -6.14
N HIS B 108 1.26 30.35 -5.61
CA HIS B 108 2.08 29.16 -5.80
C HIS B 108 1.63 28.05 -4.87
N LEU B 109 1.96 26.81 -5.23
CA LEU B 109 1.60 25.64 -4.43
C LEU B 109 2.56 25.49 -3.25
N PRO B 110 2.11 24.83 -2.15
CA PRO B 110 2.91 24.59 -0.94
C PRO B 110 4.38 24.21 -1.14
N GLY B 111 4.67 23.46 -2.20
CA GLY B 111 6.06 23.12 -2.45
C GLY B 111 6.46 21.65 -2.43
N LYS B 112 7.54 21.35 -3.14
CA LYS B 112 8.05 19.99 -3.22
C LYS B 112 8.68 19.56 -1.89
N ILE B 113 8.77 18.26 -1.68
CA ILE B 113 9.34 17.73 -0.44
C ILE B 113 10.34 16.60 -0.74
N LEU B 114 11.35 16.49 0.13
CA LEU B 114 12.36 15.44 0.00
C LEU B 114 11.67 14.08 0.02
N LEU B 115 12.17 13.13 -0.76
CA LEU B 115 11.56 11.81 -0.84
C LEU B 115 11.30 11.09 0.49
N SER B 116 12.37 10.78 1.22
CA SER B 116 12.26 10.08 2.50
C SER B 116 11.51 10.84 3.58
N ASN B 117 10.56 11.69 3.18
CA ASN B 117 9.82 12.48 4.14
C ASN B 117 8.39 12.70 3.66
N ARG B 118 8.18 12.55 2.36
CA ARG B 118 6.87 12.77 1.76
C ARG B 118 5.77 11.78 2.16
N PHE B 119 6.14 10.70 2.84
CA PHE B 119 5.14 9.72 3.25
C PHE B 119 4.84 9.72 4.73
N SER B 120 5.41 10.70 5.43
CA SER B 120 5.22 10.87 6.86
C SER B 120 3.84 11.47 7.14
N ASN B 121 3.24 11.11 8.27
CA ASN B 121 1.93 11.61 8.62
C ASN B 121 1.84 13.14 8.63
N GLU B 122 2.68 13.76 9.47
CA GLU B 122 2.70 15.21 9.60
C GLU B 122 2.89 15.92 8.27
N VAL B 123 3.77 15.39 7.43
CA VAL B 123 4.04 15.96 6.12
C VAL B 123 2.82 15.92 5.22
N ILE B 124 2.17 14.75 5.15
CA ILE B 124 0.97 14.59 4.33
C ILE B 124 -0.08 15.58 4.81
N GLU B 125 -0.23 15.70 6.11
CA GLU B 125 -1.21 16.62 6.68
C GLU B 125 -0.89 18.05 6.29
N GLU B 126 0.38 18.42 6.42
CA GLU B 126 0.88 19.75 6.08
C GLU B 126 0.41 20.08 4.66
N ARG B 127 0.87 19.27 3.73
CA ARG B 127 0.55 19.41 2.32
C ARG B 127 -0.95 19.44 2.06
N ARG B 128 -1.70 18.53 2.70
CA ARG B 128 -3.14 18.49 2.51
C ARG B 128 -3.75 19.85 2.83
N GLN B 129 -3.38 20.38 4.00
CA GLN B 129 -3.90 21.67 4.42
C GLN B 129 -3.54 22.76 3.41
N GLY B 130 -2.30 22.71 2.93
CA GLY B 130 -1.86 23.68 1.95
C GLY B 130 -2.64 23.58 0.65
N LEU B 131 -2.90 22.36 0.19
CA LEU B 131 -3.64 22.13 -1.04
C LEU B 131 -5.08 22.55 -0.86
N ASN B 132 -5.61 22.33 0.34
CA ASN B 132 -6.99 22.67 0.64
C ASN B 132 -7.18 24.18 0.50
N THR B 133 -6.25 24.94 1.10
CA THR B 133 -6.30 26.40 1.04
C THR B 133 -6.09 26.89 -0.38
N TRP B 134 -5.05 26.37 -1.03
CA TRP B 134 -4.74 26.74 -2.42
C TRP B 134 -5.92 26.55 -3.36
N MET B 135 -6.54 25.37 -3.31
CA MET B 135 -7.68 25.02 -4.16
C MET B 135 -8.90 25.89 -3.91
N GLN B 136 -9.12 26.27 -2.67
CA GLN B 136 -10.25 27.12 -2.31
C GLN B 136 -10.10 28.55 -2.85
N SER B 137 -8.87 29.03 -2.97
CA SER B 137 -8.63 30.37 -3.49
C SER B 137 -8.76 30.36 -5.00
N VAL B 138 -8.19 29.34 -5.63
CA VAL B 138 -8.24 29.22 -7.07
C VAL B 138 -9.68 29.09 -7.56
N ALA B 139 -10.41 28.15 -6.97
CA ALA B 139 -11.80 27.90 -7.36
C ALA B 139 -12.76 28.97 -6.87
N GLY B 140 -12.29 29.86 -6.01
CA GLY B 140 -13.17 30.91 -5.50
C GLY B 140 -13.08 32.20 -6.30
N HIS B 141 -12.07 32.29 -7.16
CA HIS B 141 -11.88 33.48 -7.98
C HIS B 141 -12.97 33.60 -9.03
N PRO B 142 -13.79 34.66 -8.97
CA PRO B 142 -14.89 34.94 -9.89
C PRO B 142 -14.56 34.80 -11.37
N LEU B 143 -13.38 35.24 -11.77
CA LEU B 143 -13.04 35.14 -13.19
C LEU B 143 -12.67 33.71 -13.62
N LEU B 144 -12.07 32.95 -12.72
CA LEU B 144 -11.70 31.58 -13.02
C LEU B 144 -12.97 30.72 -13.08
N GLN B 145 -13.91 31.01 -12.18
CA GLN B 145 -15.19 30.29 -12.12
C GLN B 145 -15.99 30.42 -13.41
N SER B 146 -16.00 31.61 -13.99
CA SER B 146 -16.78 31.81 -15.19
C SER B 146 -16.00 31.62 -16.49
N GLY B 147 -14.68 31.75 -16.43
CA GLY B 147 -13.92 31.61 -17.67
C GLY B 147 -12.91 30.49 -17.82
N SER B 148 -12.58 29.80 -16.74
CA SER B 148 -11.58 28.74 -16.84
C SER B 148 -12.11 27.35 -17.15
N LYS B 149 -11.75 26.85 -18.33
CA LYS B 149 -12.16 25.51 -18.74
C LYS B 149 -11.25 24.53 -18.00
N VAL B 150 -9.97 24.86 -17.90
CA VAL B 150 -9.02 24.00 -17.22
C VAL B 150 -9.45 23.68 -15.79
N LEU B 151 -9.92 24.69 -15.08
CA LEU B 151 -10.37 24.53 -13.69
C LEU B 151 -11.49 23.51 -13.57
N VAL B 152 -12.47 23.60 -14.47
CA VAL B 152 -13.61 22.70 -14.45
C VAL B 152 -13.12 21.26 -14.62
N ARG B 153 -12.28 21.05 -15.62
CA ARG B 153 -11.76 19.73 -15.87
C ARG B 153 -10.99 19.14 -14.66
N PHE B 154 -10.21 19.98 -13.98
CA PHE B 154 -9.44 19.52 -12.83
C PHE B 154 -10.35 19.08 -11.69
N ILE B 155 -11.54 19.68 -11.61
CA ILE B 155 -12.52 19.37 -10.57
C ILE B 155 -13.41 18.18 -10.94
N GLU B 156 -13.81 18.10 -12.20
CA GLU B 156 -14.75 17.07 -12.66
C GLU B 156 -14.26 15.74 -13.21
N ALA B 157 -13.26 15.77 -14.08
CA ALA B 157 -12.75 14.56 -14.72
C ALA B 157 -12.19 13.52 -13.75
N GLU B 158 -12.49 12.25 -14.00
CA GLU B 158 -12.00 11.17 -13.15
C GLU B 158 -10.48 11.19 -13.19
N LYS B 159 -9.94 11.48 -14.36
CA LYS B 159 -8.49 11.52 -14.52
C LYS B 159 -8.17 12.83 -15.19
N PHE B 160 -7.32 13.63 -14.56
CA PHE B 160 -6.98 14.93 -15.13
C PHE B 160 -6.23 14.84 -16.45
N VAL B 161 -5.17 14.03 -16.49
CA VAL B 161 -4.39 13.88 -17.71
C VAL B 161 -5.10 12.93 -18.69
N GLY B 162 -6.41 13.00 -18.74
CA GLY B 162 -7.19 12.15 -19.63
C GLY B 162 -6.95 12.45 -21.09
C1 PIB C . 13.69 -6.19 10.99
C2 PIB C . 12.37 -7.01 11.02
C3 PIB C . 11.59 -6.74 9.73
C4 PIB C . 12.48 -7.09 8.44
C5 PIB C . 13.75 -6.19 8.44
C6 PIB C . 14.56 -6.52 9.75
O1 PIB C . 14.40 -6.46 12.21
O2 PIB C . 12.70 -8.39 11.11
O3 PIB C . 10.40 -7.53 9.85
O4 PIB C . 11.73 -6.81 7.25
O5 PIB C . 14.55 -6.49 7.30
O6 PIB C . 15.75 -5.73 9.77
P1 PIB C . 14.47 -5.49 13.45
O11 PIB C . 14.85 -6.37 14.72
O12 PIB C . 13.10 -4.75 13.67
O13 PIB C . 15.65 -4.40 13.14
P3 PIB C . 8.99 -7.15 9.22
O31 PIB C . 9.10 -7.16 7.66
O32 PIB C . 8.60 -5.70 9.75
O33 PIB C . 7.98 -8.27 9.66
C7 PIB C . 15.46 -3.27 12.31
C8 PIB C . 16.48 -2.24 12.76
C1 PIB D . 8.19 15.71 -6.58
C2 PIB D . 6.75 15.48 -7.11
C3 PIB D . 6.00 14.59 -6.10
C4 PIB D . 5.96 15.26 -4.66
C5 PIB D . 7.43 15.43 -4.14
C6 PIB D . 8.18 16.37 -5.15
O1 PIB D . 8.87 16.56 -7.51
O2 PIB D . 6.11 16.75 -7.24
O3 PIB D . 4.70 14.40 -6.65
O4 PIB D . 5.26 14.39 -3.74
O5 PIB D . 7.42 16.04 -2.86
O6 PIB D . 9.53 16.56 -4.71
P1 PIB D . 10.00 16.09 -8.51
O11 PIB D . 10.35 17.35 -9.42
O12 PIB D . 9.51 14.89 -9.39
O13 PIB D . 11.27 15.62 -7.62
P3 PIB D . 3.83 13.06 -6.49
O31 PIB D . 3.52 12.84 -4.95
O32 PIB D . 4.69 11.85 -7.05
O33 PIB D . 2.49 13.30 -7.27
C7 PIB D . 12.06 16.56 -6.89
C8 PIB D . 13.35 15.83 -6.56
#